data_2EQD
#
_entry.id   2EQD
#
_cell.length_a   50.486
_cell.length_b   59.299
_cell.length_c   168.709
_cell.angle_alpha   90.00
_cell.angle_beta   90.00
_cell.angle_gamma   90.00
#
_symmetry.space_group_name_H-M   'P 21 21 21'
#
loop_
_entity.id
_entity.type
_entity.pdbx_description
1 polymer Endoglucanase
2 branched beta-D-glucopyranose-(1-4)-beta-D-glucopyranose-(1-4)-beta-D-glucopyranose-(1-4)-beta-D-glucopyranose-(1-4)-beta-D-glucopyranose-(1-4)-beta-D-glucopyranose-(1-4)-beta-D-glucopyranose-(1-4)-beta-D-glucopyranose
3 non-polymer GLYCEROL
4 non-polymer 'ZINC ION'
5 non-polymer 'CALCIUM ION'
6 non-polymer 'CHLORIDE ION'
7 water water
#
_entity_poly.entity_id   1
_entity_poly.type   'polypeptide(L)'
_entity_poly.pdbx_seq_one_letter_code
;GSRSEPAKVVDIRIDTSAERKPISPYIYGSNQELDATVTAKRFGGNRTTGYNWENNFSNAGSDWLHYSDTYLLEDGGVPK
GEWSTPASVVTTFHDKALSKNVPYTLITLQAAGYVSADGNGPVSQEETAPSSRWKEVKFEKGAPFSLTPDTEDDYVYMDE
FVNYLVNKYGNASTPTGIKGYSIDNQPALWSHTHPRIHPDNVTAKELIEKSVALSKAVKKVDPYAEIFGPALYGFAAYET
LQSAPDWGTEGEGYRWFIDYYLDKMKKASDEEGKRLLDVLDVHWYPEARGGGERICFGADPRNIETNKARLQAPRTLWDP
TYIEDSWIGQWKKDFLPILPNLLDSIEKYYPGTKLAITEYDYGGGNHITGGIAQADVLGIFGKYGVYLATFWGDASNNYT
EAGINLYTNYDGKGGKFGDTSVKCETSDIEVSSAYASIVGEDDSKLHIILLNKNYDQPTTFNFSIDSSKNYTIGNVWAFD
RGSSNITQRTPIVNIKDNTFTYTVPALTACHIVLEAAEP
;
_entity_poly.pdbx_strand_id   A
#
# COMPACT_ATOMS: atom_id res chain seq x y z
N ALA A 7 -29.13 -14.65 -20.32
CA ALA A 7 -27.86 -14.18 -20.95
C ALA A 7 -27.52 -12.75 -20.52
N LYS A 8 -26.45 -12.60 -19.74
CA LYS A 8 -26.04 -11.29 -19.30
C LYS A 8 -25.02 -10.72 -20.29
N VAL A 9 -25.39 -9.62 -20.94
CA VAL A 9 -24.55 -8.97 -21.94
C VAL A 9 -24.09 -7.59 -21.49
N VAL A 10 -22.80 -7.32 -21.65
CA VAL A 10 -22.22 -6.05 -21.24
C VAL A 10 -21.32 -5.49 -22.34
N ASP A 11 -21.43 -4.19 -22.59
CA ASP A 11 -20.60 -3.56 -23.63
C ASP A 11 -19.40 -2.91 -22.97
N ILE A 12 -18.24 -3.06 -23.59
CA ILE A 12 -17.02 -2.44 -23.07
C ILE A 12 -16.56 -1.43 -24.11
N ARG A 13 -16.32 -0.20 -23.69
CA ARG A 13 -15.85 0.84 -24.62
C ARG A 13 -14.50 1.41 -24.25
N ILE A 14 -13.57 1.29 -25.19
CA ILE A 14 -12.20 1.77 -25.00
C ILE A 14 -11.79 2.74 -26.10
N ASP A 15 -11.06 3.79 -25.69
CA ASP A 15 -10.55 4.82 -26.61
C ASP A 15 -9.05 4.99 -26.31
N THR A 16 -8.24 4.14 -26.91
CA THR A 16 -6.80 4.19 -26.69
C THR A 16 -6.14 5.56 -26.78
N SER A 17 -6.91 6.58 -27.15
CA SER A 17 -6.36 7.92 -27.27
C SER A 17 -6.99 8.94 -26.33
N ALA A 18 -7.86 8.46 -25.44
CA ALA A 18 -8.50 9.36 -24.49
C ALA A 18 -8.04 9.06 -23.06
N GLU A 19 -8.14 10.05 -22.19
CA GLU A 19 -7.77 9.91 -20.78
C GLU A 19 -6.43 9.23 -20.50
N ARG A 20 -5.41 9.52 -21.32
CA ARG A 20 -4.09 8.91 -21.13
C ARG A 20 -3.39 9.39 -19.87
N LYS A 21 -3.12 8.45 -18.98
CA LYS A 21 -2.47 8.76 -17.71
C LYS A 21 -1.49 7.68 -17.33
N PRO A 22 -0.28 8.07 -16.89
CA PRO A 22 0.69 7.05 -16.51
C PRO A 22 0.27 6.32 -15.22
N ILE A 23 0.65 5.05 -15.12
CA ILE A 23 0.32 4.28 -13.93
C ILE A 23 1.60 4.05 -13.17
N SER A 24 1.65 4.57 -11.95
CA SER A 24 2.83 4.41 -11.14
C SER A 24 3.16 2.93 -11.02
N PRO A 25 4.42 2.57 -11.28
CA PRO A 25 4.79 1.17 -11.18
C PRO A 25 4.83 0.62 -9.76
N TYR A 26 4.67 1.49 -8.77
CA TYR A 26 4.76 1.06 -7.37
C TYR A 26 3.46 0.69 -6.66
N ILE A 27 2.36 0.59 -7.39
CA ILE A 27 1.08 0.25 -6.77
C ILE A 27 0.93 -1.25 -6.52
N TYR A 28 1.75 -2.05 -7.19
CA TYR A 28 1.71 -3.50 -7.08
C TYR A 28 2.67 -4.09 -6.03
N GLY A 29 2.85 -3.42 -4.90
CA GLY A 29 3.77 -3.95 -3.90
C GLY A 29 3.17 -4.76 -2.76
N SER A 30 4.03 -5.27 -1.89
CA SER A 30 3.62 -6.06 -0.72
C SER A 30 4.49 -5.74 0.50
N ASN A 31 4.01 -6.13 1.67
CA ASN A 31 4.75 -5.92 2.92
C ASN A 31 5.42 -7.25 3.27
N GLN A 32 4.67 -8.33 3.12
CA GLN A 32 5.19 -9.67 3.37
C GLN A 32 5.78 -10.19 2.08
N GLU A 33 6.46 -11.34 2.18
CA GLU A 33 7.06 -11.95 1.00
C GLU A 33 6.00 -12.81 0.36
N LEU A 34 5.65 -12.50 -0.88
CA LEU A 34 4.60 -13.24 -1.58
C LEU A 34 5.03 -14.13 -2.73
N ASP A 35 4.14 -15.07 -3.05
CA ASP A 35 4.33 -16.00 -4.16
C ASP A 35 3.83 -15.23 -5.36
N ALA A 36 4.49 -14.10 -5.60
CA ALA A 36 4.11 -13.24 -6.71
C ALA A 36 5.22 -12.24 -7.00
N THR A 37 5.08 -11.56 -8.12
CA THR A 37 6.02 -10.55 -8.53
C THR A 37 5.44 -9.24 -8.04
N VAL A 38 6.15 -8.56 -7.15
CA VAL A 38 5.70 -7.27 -6.62
C VAL A 38 6.70 -6.19 -7.03
N THR A 39 6.21 -4.96 -7.17
CA THR A 39 7.06 -3.85 -7.57
C THR A 39 7.49 -2.89 -6.46
N ALA A 40 7.31 -3.31 -5.20
CA ALA A 40 7.70 -2.47 -4.06
C ALA A 40 7.58 -3.27 -2.78
N LYS A 41 8.57 -3.12 -1.91
CA LYS A 41 8.57 -3.84 -0.63
C LYS A 41 8.61 -2.84 0.52
N ARG A 42 7.69 -2.99 1.48
CA ARG A 42 7.61 -2.10 2.63
C ARG A 42 7.98 -2.78 3.94
N PHE A 43 8.87 -2.15 4.69
CA PHE A 43 9.29 -2.63 6.00
C PHE A 43 8.56 -1.73 6.99
N GLY A 44 7.36 -2.16 7.40
CA GLY A 44 6.57 -1.37 8.33
C GLY A 44 5.70 -2.23 9.20
N GLY A 45 4.66 -1.63 9.77
CA GLY A 45 3.77 -2.40 10.63
C GLY A 45 4.15 -2.29 12.11
N ASN A 46 3.28 -2.82 12.95
CA ASN A 46 3.48 -2.78 14.39
C ASN A 46 4.90 -3.02 14.94
N ARG A 47 5.57 -4.08 14.50
CA ARG A 47 6.92 -4.36 14.99
C ARG A 47 7.94 -3.27 14.71
N THR A 48 7.76 -2.58 13.59
CA THR A 48 8.70 -1.52 13.20
C THR A 48 8.76 -0.28 14.08
N THR A 49 7.73 -0.04 14.88
CA THR A 49 7.71 1.15 15.74
C THR A 49 8.85 1.23 16.75
N GLY A 50 9.09 0.15 17.48
CA GLY A 50 10.16 0.16 18.47
C GLY A 50 11.40 -0.57 17.99
N TYR A 51 11.67 -0.50 16.69
CA TYR A 51 12.85 -1.17 16.14
C TYR A 51 14.12 -0.35 16.39
N ASN A 52 15.19 -1.03 16.78
CA ASN A 52 16.45 -0.35 17.06
C ASN A 52 17.51 -0.83 16.06
N TRP A 53 17.85 0.03 15.10
CA TRP A 53 18.83 -0.33 14.08
C TRP A 53 20.23 -0.72 14.58
N GLU A 54 20.63 -0.20 15.73
CA GLU A 54 21.94 -0.49 16.29
C GLU A 54 22.07 -1.96 16.73
N ASN A 55 20.97 -2.55 17.18
CA ASN A 55 20.99 -3.95 17.64
C ASN A 55 19.89 -4.87 17.09
N ASN A 56 18.98 -4.33 16.28
CA ASN A 56 17.89 -5.09 15.68
C ASN A 56 16.81 -5.60 16.62
N PHE A 57 16.79 -5.11 17.85
CA PHE A 57 15.77 -5.55 18.79
C PHE A 57 14.48 -4.76 18.56
N SER A 58 13.34 -5.39 18.84
CA SER A 58 12.05 -4.70 18.69
C SER A 58 11.05 -5.25 19.69
N ASN A 59 9.93 -4.55 19.81
CA ASN A 59 8.88 -4.90 20.76
C ASN A 59 7.59 -5.27 20.02
N ALA A 60 7.01 -6.42 20.36
CA ALA A 60 5.77 -6.86 19.71
C ALA A 60 4.60 -6.00 20.19
N GLY A 61 4.89 -5.13 21.16
CA GLY A 61 3.84 -4.28 21.69
C GLY A 61 2.72 -5.15 22.22
N SER A 62 1.49 -4.68 22.09
CA SER A 62 0.37 -5.45 22.60
C SER A 62 0.04 -6.64 21.72
N ASP A 63 0.62 -6.69 20.52
CA ASP A 63 0.36 -7.83 19.65
C ASP A 63 0.75 -9.09 20.41
N TRP A 64 1.76 -9.00 21.27
CA TRP A 64 2.18 -10.14 22.05
C TRP A 64 2.96 -9.87 23.34
N LEU A 65 2.21 -9.65 24.42
CA LEU A 65 2.77 -9.42 25.74
C LEU A 65 3.84 -8.35 25.90
N HIS A 66 4.04 -7.52 24.87
CA HIS A 66 5.05 -6.46 24.92
C HIS A 66 6.48 -6.98 24.97
N TYR A 67 6.74 -8.08 24.28
CA TYR A 67 8.07 -8.70 24.25
C TYR A 67 9.10 -7.91 23.46
N SER A 68 10.28 -7.77 24.01
CA SER A 68 11.39 -7.13 23.30
C SER A 68 12.18 -8.38 22.90
N ASP A 69 12.43 -8.57 21.61
CA ASP A 69 13.16 -9.75 21.16
C ASP A 69 13.74 -9.67 19.75
N THR A 70 13.94 -10.84 19.16
CA THR A 70 14.51 -10.98 17.83
C THR A 70 13.57 -11.40 16.72
N TYR A 71 12.26 -11.19 16.91
CA TYR A 71 11.28 -11.57 15.91
C TYR A 71 11.61 -11.08 14.50
N LEU A 72 12.03 -9.83 14.39
CA LEU A 72 12.34 -9.25 13.08
C LEU A 72 13.56 -9.89 12.41
N LEU A 73 14.45 -10.46 13.21
CA LEU A 73 15.62 -11.13 12.65
C LEU A 73 15.17 -12.51 12.18
N GLU A 74 14.28 -13.12 12.97
CA GLU A 74 13.74 -14.43 12.64
C GLU A 74 12.81 -14.32 11.43
N ASP A 75 11.72 -13.55 11.58
CA ASP A 75 10.74 -13.35 10.51
C ASP A 75 11.34 -12.78 9.22
N GLY A 76 12.49 -12.11 9.34
CA GLY A 76 13.12 -11.54 8.17
C GLY A 76 14.07 -12.47 7.44
N GLY A 77 14.36 -13.62 8.06
CA GLY A 77 15.26 -14.59 7.45
C GLY A 77 16.71 -14.14 7.49
N VAL A 78 17.07 -13.37 8.51
CA VAL A 78 18.43 -12.87 8.64
C VAL A 78 19.37 -13.98 9.15
N PRO A 79 20.65 -13.93 8.75
CA PRO A 79 21.65 -14.93 9.16
C PRO A 79 22.12 -14.59 10.57
N LYS A 80 22.08 -15.58 11.47
CA LYS A 80 22.50 -15.38 12.86
C LYS A 80 23.85 -14.65 13.00
N GLY A 81 24.68 -14.72 11.98
CA GLY A 81 25.95 -14.03 12.03
C GLY A 81 25.70 -12.53 12.07
N GLU A 82 24.79 -12.07 11.23
CA GLU A 82 24.44 -10.66 11.14
C GLU A 82 23.48 -10.14 12.22
N TRP A 83 22.84 -11.03 12.97
CA TRP A 83 21.90 -10.61 14.00
C TRP A 83 22.40 -9.44 14.85
N SER A 84 23.71 -9.32 14.99
CA SER A 84 24.28 -8.24 15.79
C SER A 84 24.68 -7.05 14.93
N THR A 85 24.72 -7.26 13.61
CA THR A 85 25.11 -6.20 12.70
C THR A 85 24.06 -5.09 12.60
N PRO A 86 24.49 -3.84 12.78
CA PRO A 86 23.55 -2.72 12.71
C PRO A 86 22.66 -2.81 11.47
N ALA A 87 21.36 -2.59 11.67
CA ALA A 87 20.38 -2.60 10.59
C ALA A 87 20.40 -3.82 9.68
N SER A 88 20.99 -4.92 10.15
CA SER A 88 21.04 -6.13 9.33
C SER A 88 19.63 -6.46 8.83
N VAL A 89 18.67 -6.38 9.73
CA VAL A 89 17.27 -6.65 9.40
C VAL A 89 16.82 -5.86 8.18
N VAL A 90 17.15 -4.57 8.14
CA VAL A 90 16.76 -3.73 7.02
C VAL A 90 17.62 -4.00 5.79
N THR A 91 18.93 -4.24 5.96
CA THR A 91 19.75 -4.53 4.78
C THR A 91 19.32 -5.85 4.16
N THR A 92 19.15 -6.87 5.01
CA THR A 92 18.70 -8.18 4.55
C THR A 92 17.43 -7.96 3.74
N PHE A 93 16.56 -7.11 4.26
CA PHE A 93 15.30 -6.78 3.64
C PHE A 93 15.49 -6.16 2.26
N HIS A 94 16.44 -5.25 2.16
CA HIS A 94 16.71 -4.55 0.91
C HIS A 94 17.52 -5.39 -0.07
N ASP A 95 18.37 -6.27 0.45
CA ASP A 95 19.16 -7.12 -0.42
C ASP A 95 18.18 -8.05 -1.12
N LYS A 96 17.33 -8.71 -0.35
CA LYS A 96 16.34 -9.60 -0.91
C LYS A 96 15.53 -8.83 -1.96
N ALA A 97 15.11 -7.63 -1.60
CA ALA A 97 14.32 -6.80 -2.51
C ALA A 97 15.10 -6.58 -3.81
N LEU A 98 16.31 -6.07 -3.70
CA LEU A 98 17.15 -5.80 -4.85
C LEU A 98 17.42 -7.07 -5.64
N SER A 99 17.64 -8.18 -4.94
CA SER A 99 17.93 -9.43 -5.63
C SER A 99 16.77 -9.90 -6.51
N LYS A 100 15.61 -9.26 -6.36
CA LYS A 100 14.43 -9.60 -7.15
C LYS A 100 14.14 -8.46 -8.10
N ASN A 101 15.10 -7.55 -8.20
CA ASN A 101 14.97 -6.41 -9.10
C ASN A 101 13.70 -5.59 -8.81
N VAL A 102 13.34 -5.50 -7.52
CA VAL A 102 12.19 -4.71 -7.09
C VAL A 102 12.67 -3.25 -7.00
N PRO A 103 12.05 -2.36 -7.79
CA PRO A 103 12.38 -0.94 -7.85
C PRO A 103 12.17 -0.02 -6.65
N TYR A 104 11.36 -0.42 -5.68
CA TYR A 104 11.11 0.49 -4.56
C TYR A 104 11.12 -0.18 -3.18
N THR A 105 11.88 0.40 -2.26
CA THR A 105 11.96 -0.14 -0.89
C THR A 105 11.56 0.94 0.09
N LEU A 106 10.45 0.74 0.80
CA LEU A 106 10.00 1.72 1.77
C LEU A 106 10.46 1.25 3.14
N ILE A 107 11.08 2.13 3.91
CA ILE A 107 11.55 1.76 5.23
C ILE A 107 10.90 2.61 6.30
N THR A 108 10.53 1.99 7.41
CA THR A 108 9.88 2.73 8.48
C THR A 108 10.91 3.22 9.49
N LEU A 109 10.86 4.52 9.79
CA LEU A 109 11.79 5.07 10.77
C LEU A 109 11.04 5.23 12.08
N GLN A 110 11.75 5.11 13.20
CA GLN A 110 11.13 5.23 14.50
C GLN A 110 10.78 6.66 14.91
N ALA A 111 9.52 6.88 15.28
CA ALA A 111 9.07 8.20 15.67
C ALA A 111 8.30 8.24 17.01
N ALA A 112 7.73 7.12 17.42
CA ALA A 112 6.98 7.05 18.67
C ALA A 112 7.81 7.62 19.81
N GLY A 113 9.13 7.46 19.74
CA GLY A 113 9.98 8.03 20.78
C GLY A 113 11.00 7.15 21.48
N TYR A 114 10.77 5.84 21.46
CA TYR A 114 11.67 4.91 22.13
C TYR A 114 11.73 3.64 21.33
N VAL A 115 12.82 2.89 21.50
CA VAL A 115 13.00 1.62 20.81
C VAL A 115 13.72 0.66 21.74
N SER A 116 13.40 -0.62 21.56
CA SER A 116 13.96 -1.69 22.37
C SER A 116 15.45 -1.57 22.65
N ALA A 117 15.79 -1.61 23.93
CA ALA A 117 17.17 -1.54 24.35
C ALA A 117 17.73 -2.95 24.37
N ASP A 118 16.82 -3.93 24.44
CA ASP A 118 17.24 -5.34 24.51
C ASP A 118 16.25 -6.29 23.85
N GLY A 119 16.49 -7.58 24.07
CA GLY A 119 15.62 -8.63 23.53
C GLY A 119 15.32 -9.62 24.64
N ASN A 120 15.37 -9.14 25.88
CA ASN A 120 15.16 -9.96 27.06
C ASN A 120 13.72 -10.37 27.30
N GLY A 121 12.82 -9.96 26.42
CA GLY A 121 11.45 -10.35 26.61
C GLY A 121 10.50 -9.28 27.09
N PRO A 122 9.45 -9.67 27.81
CA PRO A 122 8.40 -8.84 28.38
C PRO A 122 8.89 -7.53 28.96
N VAL A 123 8.14 -6.47 28.73
CA VAL A 123 8.50 -5.18 29.31
C VAL A 123 7.37 -4.84 30.27
N SER A 124 7.68 -4.90 31.56
CA SER A 124 6.70 -4.62 32.59
C SER A 124 6.11 -3.24 32.41
N GLN A 125 4.91 -3.03 32.95
CA GLN A 125 4.26 -1.74 32.87
C GLN A 125 5.15 -0.75 33.62
N GLU A 126 5.83 -1.27 34.63
CA GLU A 126 6.72 -0.46 35.45
C GLU A 126 7.92 -0.03 34.62
N GLU A 127 8.19 -0.75 33.53
CA GLU A 127 9.31 -0.42 32.66
C GLU A 127 8.86 0.43 31.45
N THR A 128 7.71 1.08 31.58
CA THR A 128 7.20 1.94 30.52
C THR A 128 8.25 3.03 30.28
N ALA A 129 8.60 3.28 29.02
CA ALA A 129 9.61 4.29 28.69
C ALA A 129 9.36 5.66 29.32
N PRO A 130 10.44 6.30 29.79
CA PRO A 130 11.81 5.79 29.74
C PRO A 130 12.15 4.86 30.89
N SER A 131 12.89 3.80 30.59
CA SER A 131 13.34 2.81 31.57
C SER A 131 14.55 2.14 30.93
N SER A 132 15.25 1.31 31.70
CA SER A 132 16.43 0.66 31.14
C SER A 132 16.11 -0.23 29.97
N ARG A 133 14.82 -0.50 29.76
CA ARG A 133 14.39 -1.37 28.66
C ARG A 133 14.39 -0.64 27.33
N TRP A 134 14.57 0.66 27.35
CA TRP A 134 14.56 1.41 26.11
C TRP A 134 15.72 2.36 25.95
N LYS A 135 15.85 2.84 24.71
CA LYS A 135 16.86 3.82 24.33
C LYS A 135 15.99 4.93 23.75
N GLU A 136 16.36 6.18 23.99
CA GLU A 136 15.57 7.28 23.48
C GLU A 136 15.90 7.58 22.03
N VAL A 137 14.87 7.61 21.19
CA VAL A 137 15.08 7.89 19.79
C VAL A 137 15.21 9.40 19.58
N LYS A 138 16.21 9.78 18.80
CA LYS A 138 16.44 11.18 18.49
C LYS A 138 16.75 11.24 17.00
N PHE A 139 16.12 12.17 16.30
CA PHE A 139 16.29 12.30 14.85
C PHE A 139 17.65 12.78 14.36
N GLU A 140 18.12 13.89 14.90
CA GLU A 140 19.42 14.44 14.51
C GLU A 140 20.47 14.17 15.58
N LYS A 141 21.62 13.64 15.17
CA LYS A 141 22.70 13.29 16.10
C LYS A 141 23.53 14.46 16.58
N GLY A 142 23.44 15.59 15.87
CA GLY A 142 24.21 16.76 16.27
C GLY A 142 25.72 16.50 16.33
N ALA A 143 26.16 15.42 15.70
CA ALA A 143 27.57 15.08 15.69
C ALA A 143 27.84 14.08 14.58
N PRO A 144 29.13 13.78 14.32
CA PRO A 144 29.57 12.83 13.29
C PRO A 144 29.00 11.43 13.41
N PHE A 145 28.44 10.93 12.30
CA PHE A 145 27.86 9.60 12.26
C PHE A 145 28.94 8.54 12.39
N SER A 146 28.53 7.34 12.77
CA SER A 146 29.44 6.22 12.94
C SER A 146 28.78 4.95 12.43
N LEU A 147 29.44 4.27 11.49
CA LEU A 147 28.92 3.04 10.94
C LEU A 147 29.05 1.93 11.98
N THR A 148 29.29 2.33 13.23
CA THR A 148 29.41 1.43 14.37
C THR A 148 28.69 2.12 15.53
N PRO A 149 27.36 2.22 15.46
CA PRO A 149 26.59 2.88 16.51
C PRO A 149 26.98 2.38 17.89
N ASP A 150 26.75 3.25 18.87
CA ASP A 150 27.06 2.93 20.26
C ASP A 150 25.82 2.34 20.91
N THR A 151 25.79 1.01 21.03
CA THR A 151 24.65 0.34 21.64
C THR A 151 24.58 0.66 23.13
N GLU A 152 25.67 1.22 23.67
CA GLU A 152 25.72 1.52 25.08
C GLU A 152 25.15 2.85 25.52
N ASP A 153 25.11 3.84 24.63
CA ASP A 153 24.55 5.12 25.04
C ASP A 153 23.06 4.97 25.26
N ASP A 154 22.40 6.06 25.65
CA ASP A 154 20.98 6.03 25.89
C ASP A 154 20.21 6.53 24.69
N TYR A 155 20.86 6.58 23.54
CA TYR A 155 20.19 7.07 22.34
C TYR A 155 20.38 6.28 21.05
N VAL A 156 19.48 6.54 20.12
CA VAL A 156 19.47 5.93 18.79
C VAL A 156 19.10 7.10 17.87
N TYR A 157 19.95 7.35 16.88
CA TYR A 157 19.73 8.46 15.96
C TYR A 157 19.15 8.01 14.63
N MET A 158 18.06 8.63 14.23
CA MET A 158 17.42 8.26 12.98
C MET A 158 18.21 8.75 11.77
N ASP A 159 18.66 10.00 11.80
CA ASP A 159 19.41 10.52 10.67
C ASP A 159 20.71 9.72 10.48
N GLU A 160 21.25 9.17 11.56
CA GLU A 160 22.48 8.37 11.47
C GLU A 160 22.13 7.01 10.88
N PHE A 161 20.89 6.59 11.15
CA PHE A 161 20.38 5.31 10.66
C PHE A 161 20.32 5.39 9.13
N VAL A 162 19.73 6.46 8.60
CA VAL A 162 19.63 6.61 7.16
C VAL A 162 21.03 6.61 6.59
N ASN A 163 21.94 7.31 7.25
CA ASN A 163 23.33 7.42 6.82
C ASN A 163 23.94 6.03 6.63
N TYR A 164 23.85 5.19 7.66
CA TYR A 164 24.39 3.84 7.57
C TYR A 164 23.91 3.19 6.27
N LEU A 165 22.66 3.47 5.92
CA LEU A 165 22.04 2.93 4.71
C LEU A 165 22.50 3.66 3.45
N VAL A 166 22.20 4.95 3.34
CA VAL A 166 22.60 5.73 2.18
C VAL A 166 24.07 5.43 1.84
N ASN A 167 24.80 4.97 2.85
CA ASN A 167 26.20 4.63 2.68
C ASN A 167 26.32 3.29 1.95
N LYS A 168 25.75 2.24 2.53
CA LYS A 168 25.80 0.91 1.93
C LYS A 168 25.19 0.80 0.54
N TYR A 169 24.10 1.54 0.29
CA TYR A 169 23.42 1.45 -1.01
C TYR A 169 23.45 2.68 -1.90
N GLY A 170 23.99 3.79 -1.42
CA GLY A 170 23.98 4.99 -2.23
C GLY A 170 22.66 5.65 -1.89
N ASN A 171 22.43 6.87 -2.34
CA ASN A 171 21.17 7.53 -1.99
C ASN A 171 19.97 7.14 -2.85
N ALA A 172 18.87 7.87 -2.66
CA ALA A 172 17.63 7.60 -3.36
C ALA A 172 17.68 7.80 -4.87
N SER A 173 18.71 8.50 -5.35
CA SER A 173 18.87 8.76 -6.78
C SER A 173 19.64 7.61 -7.44
N THR A 174 20.47 6.96 -6.64
CA THR A 174 21.26 5.85 -7.13
C THR A 174 20.36 4.62 -7.34
N PRO A 175 20.74 3.71 -8.25
CA PRO A 175 19.95 2.51 -8.52
C PRO A 175 19.59 1.67 -7.29
N THR A 176 20.63 1.16 -6.65
CA THR A 176 20.50 0.31 -5.46
C THR A 176 20.04 1.01 -4.18
N GLY A 177 19.77 2.30 -4.25
CA GLY A 177 19.36 3.03 -3.06
C GLY A 177 17.94 2.82 -2.56
N ILE A 178 17.71 3.20 -1.31
CA ILE A 178 16.39 3.08 -0.69
C ILE A 178 15.63 4.39 -0.95
N LYS A 179 14.58 4.30 -1.77
CA LYS A 179 13.80 5.45 -2.14
C LYS A 179 12.87 6.08 -1.10
N GLY A 180 12.25 5.27 -0.25
CA GLY A 180 11.33 5.85 0.71
C GLY A 180 11.54 5.56 2.20
N TYR A 181 11.08 6.52 3.02
CA TYR A 181 11.16 6.41 4.47
C TYR A 181 9.81 6.83 5.05
N SER A 182 9.30 6.05 5.99
CA SER A 182 8.02 6.38 6.60
C SER A 182 8.17 6.85 8.03
N ILE A 183 7.30 7.77 8.41
CA ILE A 183 7.31 8.31 9.76
C ILE A 183 6.51 7.39 10.66
N ASP A 184 7.15 6.30 11.05
CA ASP A 184 6.57 5.32 11.94
C ASP A 184 5.40 4.59 11.32
N ASN A 185 4.48 4.14 12.17
CA ASN A 185 3.32 3.38 11.73
C ASN A 185 2.15 3.65 12.65
N GLN A 186 1.01 3.99 12.06
CA GLN A 186 -0.21 4.25 12.80
C GLN A 186 -0.01 4.90 14.16
N PRO A 187 0.24 6.22 14.18
CA PRO A 187 0.45 6.92 15.46
C PRO A 187 -0.82 7.00 16.31
N ALA A 188 -1.97 7.16 15.68
CA ALA A 188 -3.22 7.24 16.43
C ALA A 188 -3.41 5.99 17.27
N LEU A 189 -2.67 4.92 16.97
CA LEU A 189 -2.77 3.68 17.74
C LEU A 189 -1.51 3.36 18.56
N TRP A 190 -0.63 4.34 18.69
CA TRP A 190 0.59 4.13 19.45
C TRP A 190 0.26 3.74 20.89
N SER A 191 -0.67 4.48 21.47
CA SER A 191 -1.10 4.26 22.85
C SER A 191 -1.96 3.03 23.02
N HIS A 192 -2.22 2.31 21.94
CA HIS A 192 -3.03 1.09 21.97
C HIS A 192 -2.17 -0.12 21.67
N THR A 193 -1.23 0.05 20.75
CA THR A 193 -0.32 -1.00 20.32
C THR A 193 1.00 -1.00 21.07
N HIS A 194 1.46 0.19 21.45
CA HIS A 194 2.73 0.33 22.15
C HIS A 194 2.62 1.19 23.40
N PRO A 195 1.72 0.82 24.33
CA PRO A 195 1.56 1.62 25.54
C PRO A 195 2.83 1.69 26.40
N ARG A 196 3.74 0.72 26.23
CA ARG A 196 4.98 0.69 27.00
C ARG A 196 5.99 1.63 26.36
N ILE A 197 5.57 2.31 25.29
CA ILE A 197 6.43 3.25 24.58
C ILE A 197 5.82 4.65 24.50
N HIS A 198 4.50 4.70 24.40
CA HIS A 198 3.80 5.96 24.25
C HIS A 198 2.36 5.79 24.79
N PRO A 199 2.23 5.67 26.12
CA PRO A 199 0.98 5.49 26.88
C PRO A 199 -0.10 6.54 26.62
N ASP A 200 0.30 7.77 26.32
CA ASP A 200 -0.67 8.82 26.06
C ASP A 200 -1.09 8.83 24.59
N ASN A 201 -2.31 9.27 24.32
CA ASN A 201 -2.83 9.35 22.97
C ASN A 201 -2.12 10.45 22.23
N VAL A 202 -1.48 10.12 21.12
CA VAL A 202 -0.75 11.11 20.34
C VAL A 202 -1.66 12.29 20.04
N THR A 203 -1.07 13.49 19.96
CA THR A 203 -1.83 14.70 19.67
C THR A 203 -1.49 15.21 18.27
N ALA A 204 -2.41 15.96 17.68
CA ALA A 204 -2.20 16.52 16.35
C ALA A 204 -0.91 17.35 16.30
N LYS A 205 -0.69 18.16 17.34
CA LYS A 205 0.51 19.00 17.39
C LYS A 205 1.76 18.14 17.45
N GLU A 206 1.75 17.16 18.35
CA GLU A 206 2.88 16.26 18.51
C GLU A 206 3.26 15.56 17.21
N LEU A 207 2.25 15.02 16.52
CA LEU A 207 2.50 14.34 15.26
C LEU A 207 3.13 15.25 14.24
N ILE A 208 2.48 16.38 13.96
CA ILE A 208 3.02 17.32 12.98
C ILE A 208 4.43 17.73 13.35
N GLU A 209 4.63 18.02 14.63
CA GLU A 209 5.92 18.44 15.13
C GLU A 209 7.01 17.39 14.88
N LYS A 210 6.75 16.15 15.27
CA LYS A 210 7.72 15.07 15.07
C LYS A 210 8.03 14.76 13.61
N SER A 211 7.00 14.81 12.75
CA SER A 211 7.18 14.53 11.34
C SER A 211 8.22 15.49 10.76
N VAL A 212 7.89 16.78 10.83
CA VAL A 212 8.75 17.86 10.36
C VAL A 212 10.18 17.63 10.85
N ALA A 213 10.30 17.30 12.13
CA ALA A 213 11.60 17.06 12.71
C ALA A 213 12.27 15.93 11.96
N LEU A 214 11.56 14.80 11.83
CA LEU A 214 12.11 13.63 11.16
C LEU A 214 12.42 13.82 9.68
N SER A 215 11.50 14.46 8.94
CA SER A 215 11.72 14.71 7.52
C SER A 215 13.03 15.49 7.31
N LYS A 216 13.16 16.63 8.00
CA LYS A 216 14.37 17.44 7.91
C LYS A 216 15.60 16.61 8.24
N ALA A 217 15.57 15.96 9.39
CA ALA A 217 16.69 15.13 9.80
C ALA A 217 17.10 14.20 8.67
N VAL A 218 16.11 13.59 8.03
CA VAL A 218 16.35 12.65 6.93
C VAL A 218 16.73 13.30 5.62
N LYS A 219 16.03 14.35 5.23
CA LYS A 219 16.32 15.03 3.96
C LYS A 219 17.67 15.74 3.95
N LYS A 220 18.44 15.60 5.02
CA LYS A 220 19.75 16.22 5.09
C LYS A 220 20.82 15.14 4.95
N VAL A 221 20.36 13.89 4.95
CA VAL A 221 21.25 12.75 4.79
C VAL A 221 20.98 12.16 3.42
N ASP A 222 19.88 12.59 2.82
CA ASP A 222 19.48 12.13 1.49
C ASP A 222 18.38 13.04 0.97
N PRO A 223 18.76 14.11 0.27
CA PRO A 223 17.81 15.07 -0.29
C PRO A 223 16.79 14.43 -1.22
N TYR A 224 17.20 13.33 -1.85
CA TYR A 224 16.38 12.61 -2.81
C TYR A 224 15.37 11.62 -2.25
N ALA A 225 15.49 11.32 -0.95
CA ALA A 225 14.59 10.35 -0.32
C ALA A 225 13.17 10.86 -0.21
N GLU A 226 12.23 9.93 -0.29
CA GLU A 226 10.81 10.28 -0.18
C GLU A 226 10.29 9.94 1.21
N ILE A 227 9.57 10.89 1.78
CA ILE A 227 9.00 10.77 3.11
C ILE A 227 7.50 10.49 3.04
N PHE A 228 7.10 9.37 3.65
CA PHE A 228 5.69 8.97 3.69
C PHE A 228 5.15 9.29 5.08
N GLY A 229 3.87 9.64 5.14
CA GLY A 229 3.25 9.95 6.41
C GLY A 229 1.76 10.14 6.23
N PRO A 230 0.95 9.93 7.28
CA PRO A 230 1.30 9.55 8.65
C PRO A 230 1.14 8.05 8.89
N ALA A 231 0.67 7.34 7.87
CA ALA A 231 0.45 5.91 7.98
C ALA A 231 -0.74 5.65 8.90
N LEU A 232 -1.83 6.37 8.68
CA LEU A 232 -3.01 6.19 9.52
C LEU A 232 -3.61 4.81 9.30
N TYR A 233 -3.95 4.14 10.39
CA TYR A 233 -4.50 2.80 10.35
C TYR A 233 -5.83 2.70 9.63
N GLY A 234 -6.72 3.66 9.87
CA GLY A 234 -8.02 3.60 9.24
C GLY A 234 -8.80 4.89 9.37
N PHE A 235 -10.00 4.88 8.82
CA PHE A 235 -10.85 6.06 8.83
C PHE A 235 -10.81 6.96 10.06
N ALA A 236 -11.08 6.40 11.24
CA ALA A 236 -11.07 7.22 12.44
C ALA A 236 -9.86 8.17 12.50
N ALA A 237 -8.68 7.66 12.15
CA ALA A 237 -7.50 8.51 12.18
C ALA A 237 -7.51 9.53 11.04
N TYR A 238 -8.21 9.21 9.95
CA TYR A 238 -8.31 10.12 8.80
C TYR A 238 -9.09 11.35 9.23
N GLU A 239 -10.19 11.10 9.92
CA GLU A 239 -11.09 12.16 10.38
C GLU A 239 -10.63 12.99 11.57
N THR A 240 -10.25 12.36 12.67
CA THR A 240 -9.85 13.11 13.85
C THR A 240 -8.62 12.56 14.55
N LEU A 241 -7.77 11.85 13.82
CA LEU A 241 -6.57 11.28 14.43
C LEU A 241 -7.06 10.56 15.68
N GLN A 242 -8.09 9.73 15.47
CA GLN A 242 -8.72 8.95 16.52
C GLN A 242 -9.08 9.79 17.74
N SER A 243 -9.86 10.85 17.52
CA SER A 243 -10.30 11.73 18.60
C SER A 243 -9.10 12.30 19.34
N ALA A 244 -8.11 12.76 18.61
CA ALA A 244 -6.93 13.35 19.24
C ALA A 244 -7.41 14.30 20.32
N PRO A 245 -6.68 14.37 21.44
CA PRO A 245 -7.07 15.26 22.52
C PRO A 245 -7.16 16.74 22.11
N ASP A 246 -6.40 17.12 21.09
CA ASP A 246 -6.41 18.51 20.67
C ASP A 246 -7.03 18.78 19.30
N TRP A 247 -7.79 17.83 18.77
CA TRP A 247 -8.42 18.04 17.47
C TRP A 247 -9.45 19.15 17.63
N GLY A 248 -10.05 19.23 18.82
CA GLY A 248 -11.04 20.25 19.07
C GLY A 248 -10.47 21.62 18.75
N THR A 249 -9.29 21.90 19.29
CA THR A 249 -8.63 23.17 19.07
C THR A 249 -8.01 23.20 17.67
N GLU A 250 -7.13 22.24 17.40
CA GLU A 250 -6.42 22.13 16.12
C GLU A 250 -7.30 21.96 14.89
N GLY A 251 -8.30 21.08 14.99
CA GLY A 251 -9.19 20.82 13.87
C GLY A 251 -10.12 21.95 13.48
N GLU A 252 -10.09 23.02 14.29
CA GLU A 252 -10.93 24.20 14.07
C GLU A 252 -10.88 24.59 12.59
N GLY A 253 -12.01 24.45 11.89
CA GLY A 253 -12.07 24.82 10.49
C GLY A 253 -11.36 23.85 9.56
N TYR A 254 -11.56 22.55 9.82
CA TYR A 254 -10.96 21.51 9.01
C TYR A 254 -11.99 20.39 8.84
N ARG A 255 -12.24 19.98 7.61
CA ARG A 255 -13.21 18.92 7.39
C ARG A 255 -12.75 17.63 8.04
N TRP A 256 -11.44 17.44 8.12
CA TRP A 256 -10.87 16.25 8.75
C TRP A 256 -9.36 16.41 9.00
N PHE A 257 -8.79 15.48 9.76
CA PHE A 257 -7.37 15.54 10.07
C PHE A 257 -6.49 15.50 8.81
N ILE A 258 -6.96 14.79 7.79
CA ILE A 258 -6.22 14.68 6.55
C ILE A 258 -5.85 16.06 6.02
N ASP A 259 -6.84 16.97 6.00
CA ASP A 259 -6.58 18.33 5.53
C ASP A 259 -5.56 19.00 6.43
N TYR A 260 -5.82 18.95 7.74
CA TYR A 260 -4.95 19.53 8.76
C TYR A 260 -3.50 19.09 8.54
N TYR A 261 -3.30 17.78 8.41
CA TYR A 261 -1.97 17.22 8.21
C TYR A 261 -1.34 17.81 6.95
N LEU A 262 -2.08 17.73 5.84
CA LEU A 262 -1.60 18.25 4.56
C LEU A 262 -1.31 19.74 4.64
N ASP A 263 -2.17 20.48 5.34
CA ASP A 263 -2.00 21.91 5.48
C ASP A 263 -0.75 22.27 6.28
N LYS A 264 -0.64 21.70 7.48
CA LYS A 264 0.51 21.98 8.32
C LYS A 264 1.83 21.51 7.70
N MET A 265 1.83 20.35 7.06
CA MET A 265 3.06 19.84 6.45
C MET A 265 3.48 20.76 5.31
N LYS A 266 2.47 21.29 4.62
CA LYS A 266 2.71 22.21 3.51
C LYS A 266 3.35 23.46 4.12
N LYS A 267 2.59 24.12 4.98
CA LYS A 267 3.03 25.32 5.67
C LYS A 267 4.49 25.14 6.10
N ALA A 268 4.75 24.10 6.90
CA ALA A 268 6.09 23.81 7.37
C ALA A 268 7.09 23.70 6.23
N SER A 269 6.66 23.07 5.12
CA SER A 269 7.55 22.92 3.97
C SER A 269 7.91 24.27 3.36
N ASP A 270 6.95 25.19 3.37
CA ASP A 270 7.21 26.52 2.83
C ASP A 270 8.24 27.21 3.73
N GLU A 271 8.04 27.10 5.03
CA GLU A 271 8.95 27.72 5.98
C GLU A 271 10.36 27.12 5.87
N GLU A 272 10.46 25.81 5.68
CA GLU A 272 11.76 25.17 5.56
C GLU A 272 12.42 25.42 4.21
N GLY A 273 11.62 25.86 3.25
CA GLY A 273 12.16 26.13 1.93
C GLY A 273 12.23 24.89 1.04
N LYS A 274 11.63 23.80 1.49
CA LYS A 274 11.63 22.58 0.69
C LYS A 274 10.55 21.59 1.15
N ARG A 275 10.09 20.77 0.21
CA ARG A 275 9.07 19.77 0.48
C ARG A 275 9.52 18.79 1.57
N LEU A 276 8.69 18.64 2.60
CA LEU A 276 8.99 17.73 3.70
C LEU A 276 8.11 16.49 3.60
N LEU A 277 6.93 16.65 3.00
CA LEU A 277 6.02 15.53 2.80
C LEU A 277 5.99 15.17 1.31
N ASP A 278 6.43 13.97 0.99
CA ASP A 278 6.45 13.52 -0.39
C ASP A 278 5.22 12.70 -0.72
N VAL A 279 4.80 11.85 0.21
CA VAL A 279 3.65 10.98 -0.02
C VAL A 279 2.69 10.90 1.16
N LEU A 280 1.42 11.22 0.93
CA LEU A 280 0.43 11.09 1.99
C LEU A 280 0.23 9.56 2.10
N ASP A 281 0.51 9.02 3.28
CA ASP A 281 0.43 7.58 3.50
C ASP A 281 -0.67 7.17 4.50
N VAL A 282 -1.62 6.38 4.04
CA VAL A 282 -2.72 5.90 4.88
C VAL A 282 -2.92 4.40 4.67
N HIS A 283 -3.53 3.74 5.66
CA HIS A 283 -3.81 2.30 5.57
C HIS A 283 -5.32 2.15 5.34
N TRP A 284 -5.70 1.15 4.54
CA TRP A 284 -7.10 0.94 4.24
C TRP A 284 -7.56 -0.52 4.31
N TYR A 285 -8.31 -0.84 5.36
CA TYR A 285 -8.86 -2.18 5.55
C TYR A 285 -10.37 -2.01 5.46
N PRO A 286 -10.98 -2.53 4.38
CA PRO A 286 -12.43 -2.41 4.19
C PRO A 286 -13.25 -2.77 5.42
N GLU A 287 -14.18 -1.89 5.80
CA GLU A 287 -15.07 -2.14 6.93
C GLU A 287 -16.31 -2.77 6.29
N ALA A 288 -16.29 -2.79 4.95
CA ALA A 288 -17.37 -3.35 4.15
C ALA A 288 -17.79 -4.70 4.71
N ARG A 289 -19.06 -4.80 5.10
CA ARG A 289 -19.62 -6.01 5.66
C ARG A 289 -20.57 -6.68 4.70
N GLY A 290 -20.80 -7.98 4.91
CA GLY A 290 -21.69 -8.75 4.08
C GLY A 290 -21.82 -10.16 4.60
N GLY A 291 -23.07 -10.62 4.76
CA GLY A 291 -23.29 -11.97 5.25
C GLY A 291 -23.08 -12.12 6.74
N GLY A 292 -23.02 -11.00 7.46
CA GLY A 292 -22.82 -11.06 8.90
C GLY A 292 -21.42 -10.67 9.35
N GLU A 293 -20.43 -10.89 8.49
CA GLU A 293 -19.07 -10.54 8.85
C GLU A 293 -18.42 -9.50 7.96
N ARG A 294 -17.26 -9.02 8.38
CA ARG A 294 -16.48 -8.03 7.63
C ARG A 294 -15.78 -8.80 6.52
N ILE A 295 -15.59 -8.16 5.36
CA ILE A 295 -14.97 -8.87 4.24
C ILE A 295 -13.54 -9.34 4.44
N CYS A 296 -12.81 -8.70 5.35
CA CYS A 296 -11.44 -9.11 5.61
C CYS A 296 -11.29 -9.58 7.05
N PHE A 297 -10.06 -9.66 7.54
CA PHE A 297 -9.77 -10.09 8.91
C PHE A 297 -10.42 -11.40 9.35
N GLY A 298 -9.98 -12.52 8.79
CA GLY A 298 -10.54 -13.79 9.16
C GLY A 298 -12.01 -13.93 8.82
N ALA A 299 -12.35 -13.75 7.55
CA ALA A 299 -13.73 -13.91 7.11
C ALA A 299 -13.79 -15.29 6.46
N ASP A 300 -14.88 -16.02 6.69
CA ASP A 300 -15.04 -17.37 6.14
C ASP A 300 -15.51 -17.44 4.69
N PRO A 301 -14.68 -18.00 3.79
CA PRO A 301 -15.00 -18.13 2.37
C PRO A 301 -16.23 -18.98 2.05
N ARG A 302 -16.76 -19.68 3.05
CA ARG A 302 -17.96 -20.50 2.87
C ARG A 302 -19.17 -19.57 2.79
N ASN A 303 -19.02 -18.39 3.36
CA ASN A 303 -20.08 -17.39 3.40
C ASN A 303 -20.24 -16.66 2.05
N ILE A 304 -21.13 -17.19 1.20
CA ILE A 304 -21.37 -16.62 -0.11
C ILE A 304 -21.78 -15.14 -0.07
N GLU A 305 -22.44 -14.72 1.00
CA GLU A 305 -22.87 -13.33 1.13
C GLU A 305 -21.72 -12.36 1.33
N THR A 306 -20.69 -12.81 2.03
CA THR A 306 -19.53 -11.98 2.30
C THR A 306 -18.66 -11.92 1.05
N ASN A 307 -18.55 -13.05 0.37
CA ASN A 307 -17.76 -13.09 -0.86
C ASN A 307 -18.36 -12.12 -1.86
N LYS A 308 -19.68 -12.06 -1.91
CA LYS A 308 -20.36 -11.17 -2.82
C LYS A 308 -20.18 -9.73 -2.40
N ALA A 309 -20.08 -9.48 -1.10
CA ALA A 309 -19.89 -8.12 -0.62
C ALA A 309 -18.47 -7.66 -0.96
N ARG A 310 -17.55 -8.62 -0.99
CA ARG A 310 -16.16 -8.34 -1.30
C ARG A 310 -16.03 -7.92 -2.76
N LEU A 311 -16.72 -8.61 -3.65
CA LEU A 311 -16.64 -8.29 -5.07
C LEU A 311 -17.10 -6.86 -5.37
N GLN A 312 -17.97 -6.31 -4.51
CA GLN A 312 -18.45 -4.94 -4.73
C GLN A 312 -17.71 -3.90 -3.90
N ALA A 313 -17.07 -4.35 -2.83
CA ALA A 313 -16.34 -3.45 -1.94
C ALA A 313 -15.38 -2.48 -2.65
N PRO A 314 -14.54 -2.98 -3.57
CA PRO A 314 -13.61 -2.07 -4.24
C PRO A 314 -14.26 -0.75 -4.72
N ARG A 315 -15.53 -0.82 -5.12
CA ARG A 315 -16.24 0.36 -5.61
C ARG A 315 -16.15 1.57 -4.67
N THR A 316 -16.07 1.31 -3.37
CA THR A 316 -15.99 2.38 -2.38
C THR A 316 -14.79 3.31 -2.59
N LEU A 317 -13.80 2.84 -3.33
CA LEU A 317 -12.61 3.62 -3.59
C LEU A 317 -12.83 4.70 -4.63
N TRP A 318 -13.76 4.45 -5.55
CA TRP A 318 -14.01 5.42 -6.62
C TRP A 318 -15.47 5.68 -6.96
N ASP A 319 -16.29 4.66 -6.90
CA ASP A 319 -17.71 4.78 -7.25
C ASP A 319 -18.52 5.62 -6.28
N PRO A 320 -18.96 6.81 -6.73
CA PRO A 320 -19.74 7.76 -5.95
C PRO A 320 -21.19 7.31 -5.74
N THR A 321 -21.60 6.27 -6.46
CA THR A 321 -22.97 5.78 -6.32
C THR A 321 -23.00 4.52 -5.46
N TYR A 322 -21.85 4.09 -4.93
CA TYR A 322 -21.82 2.88 -4.11
C TYR A 322 -21.75 3.05 -2.60
N ILE A 323 -22.70 2.44 -1.90
CA ILE A 323 -22.73 2.51 -0.45
C ILE A 323 -22.55 1.12 0.14
N GLU A 324 -21.39 0.88 0.72
CA GLU A 324 -21.10 -0.43 1.32
C GLU A 324 -21.78 -0.52 2.69
N ASP A 325 -21.86 -1.73 3.23
CA ASP A 325 -22.47 -1.93 4.54
C ASP A 325 -21.37 -1.79 5.60
N SER A 326 -21.29 -0.61 6.20
CA SER A 326 -20.29 -0.35 7.22
C SER A 326 -20.61 0.98 7.87
N TRP A 327 -20.00 1.24 9.03
CA TRP A 327 -20.24 2.50 9.70
C TRP A 327 -19.78 3.65 8.80
N ILE A 328 -18.80 3.38 7.95
CA ILE A 328 -18.27 4.40 7.03
C ILE A 328 -19.23 4.67 5.88
N GLY A 329 -19.91 3.62 5.42
CA GLY A 329 -20.86 3.80 4.34
C GLY A 329 -22.14 4.42 4.91
N GLN A 330 -22.48 3.99 6.12
CA GLN A 330 -23.66 4.48 6.80
C GLN A 330 -23.56 5.93 7.30
N TRP A 331 -22.47 6.25 8.01
CA TRP A 331 -22.33 7.59 8.57
C TRP A 331 -21.25 8.48 7.98
N LYS A 332 -20.54 8.01 6.97
CA LYS A 332 -19.46 8.84 6.40
C LYS A 332 -19.55 9.19 4.92
N LYS A 333 -20.76 9.10 4.36
CA LYS A 333 -20.96 9.38 2.95
C LYS A 333 -20.26 10.66 2.46
N ASP A 334 -20.09 11.63 3.34
CA ASP A 334 -19.44 12.88 2.95
C ASP A 334 -17.96 12.69 2.65
N PHE A 335 -17.45 11.49 2.88
CA PHE A 335 -16.05 11.23 2.63
C PHE A 335 -15.79 10.14 1.59
N LEU A 336 -16.86 9.64 0.99
CA LEU A 336 -16.77 8.60 -0.02
C LEU A 336 -17.17 9.12 -1.39
N PRO A 337 -16.60 8.55 -2.47
CA PRO A 337 -15.62 7.47 -2.40
C PRO A 337 -14.33 8.01 -1.80
N ILE A 338 -13.65 7.19 -1.01
CA ILE A 338 -12.44 7.59 -0.33
C ILE A 338 -11.27 8.08 -1.18
N LEU A 339 -10.93 7.38 -2.26
CA LEU A 339 -9.80 7.84 -3.08
C LEU A 339 -10.00 9.26 -3.62
N PRO A 340 -11.15 9.54 -4.27
CA PRO A 340 -11.36 10.90 -4.79
C PRO A 340 -11.26 11.96 -3.67
N ASN A 341 -11.79 11.64 -2.50
CA ASN A 341 -11.74 12.57 -1.36
C ASN A 341 -10.31 12.81 -0.88
N LEU A 342 -9.52 11.75 -0.78
CA LEU A 342 -8.14 11.88 -0.33
C LEU A 342 -7.34 12.67 -1.37
N LEU A 343 -7.57 12.35 -2.63
CA LEU A 343 -6.90 13.03 -3.73
C LEU A 343 -7.38 14.47 -3.80
N ASP A 344 -8.69 14.62 -3.59
CA ASP A 344 -9.31 15.92 -3.62
C ASP A 344 -8.71 16.79 -2.52
N SER A 345 -8.37 16.16 -1.40
CA SER A 345 -7.79 16.89 -0.29
C SER A 345 -6.35 17.29 -0.58
N ILE A 346 -5.61 16.42 -1.27
CA ILE A 346 -4.23 16.75 -1.60
C ILE A 346 -4.21 18.00 -2.45
N GLU A 347 -5.20 18.11 -3.34
CA GLU A 347 -5.30 19.24 -4.25
C GLU A 347 -5.52 20.55 -3.51
N LYS A 348 -6.36 20.55 -2.48
CA LYS A 348 -6.62 21.79 -1.74
C LYS A 348 -5.50 22.24 -0.81
N TYR A 349 -4.96 21.34 0.01
CA TYR A 349 -3.94 21.75 0.97
C TYR A 349 -2.47 21.43 0.71
N TYR A 350 -2.15 20.78 -0.39
CA TYR A 350 -0.75 20.48 -0.69
C TYR A 350 -0.65 19.73 -2.01
N PRO A 351 -0.85 20.44 -3.12
CA PRO A 351 -0.78 19.84 -4.46
C PRO A 351 0.58 19.21 -4.73
N GLY A 352 0.64 18.29 -5.69
CA GLY A 352 1.90 17.65 -6.01
C GLY A 352 2.29 16.54 -5.06
N THR A 353 1.57 16.44 -3.95
CA THR A 353 1.84 15.42 -2.96
C THR A 353 1.30 14.08 -3.49
N LYS A 354 2.11 13.04 -3.37
CA LYS A 354 1.72 11.71 -3.82
C LYS A 354 0.81 11.00 -2.83
N LEU A 355 0.18 9.91 -3.28
CA LEU A 355 -0.73 9.16 -2.42
C LEU A 355 -0.39 7.68 -2.41
N ALA A 356 -0.24 7.12 -1.21
CA ALA A 356 0.07 5.70 -1.09
C ALA A 356 -0.84 4.98 -0.13
N ILE A 357 -1.16 3.73 -0.44
CA ILE A 357 -1.99 2.94 0.44
C ILE A 357 -1.03 1.82 0.85
N THR A 358 -0.21 2.13 1.85
CA THR A 358 0.82 1.22 2.34
C THR A 358 0.35 -0.02 3.06
N GLU A 359 -0.94 -0.12 3.28
CA GLU A 359 -1.50 -1.30 3.91
C GLU A 359 -2.95 -1.43 3.47
N TYR A 360 -3.33 -2.66 3.12
CA TYR A 360 -4.68 -2.94 2.67
C TYR A 360 -4.80 -4.44 2.48
N ASP A 361 -6.03 -4.94 2.59
CA ASP A 361 -6.35 -6.37 2.43
C ASP A 361 -7.87 -6.47 2.30
N TYR A 362 -8.33 -7.04 1.19
CA TYR A 362 -9.77 -7.18 0.98
C TYR A 362 -10.32 -8.55 1.36
N GLY A 363 -9.46 -9.34 2.01
CA GLY A 363 -9.88 -10.66 2.46
C GLY A 363 -9.99 -11.67 1.34
N GLY A 364 -10.54 -12.84 1.69
CA GLY A 364 -10.71 -13.91 0.72
C GLY A 364 -9.43 -14.26 0.00
N GLY A 365 -8.30 -13.99 0.65
CA GLY A 365 -7.01 -14.26 0.05
C GLY A 365 -6.84 -15.61 -0.61
N ASN A 366 -7.62 -16.60 -0.20
CA ASN A 366 -7.50 -17.94 -0.78
C ASN A 366 -8.80 -18.36 -1.45
N HIS A 367 -9.52 -17.38 -1.99
CA HIS A 367 -10.79 -17.62 -2.66
C HIS A 367 -10.83 -16.82 -3.95
N ILE A 368 -11.59 -17.29 -4.93
CA ILE A 368 -11.67 -16.59 -6.19
C ILE A 368 -11.99 -15.11 -6.00
N THR A 369 -12.97 -14.78 -5.17
CA THR A 369 -13.34 -13.38 -5.01
C THR A 369 -12.22 -12.54 -4.40
N GLY A 370 -11.35 -13.18 -3.62
CA GLY A 370 -10.24 -12.45 -3.03
C GLY A 370 -9.33 -11.99 -4.15
N GLY A 371 -9.21 -12.85 -5.17
CA GLY A 371 -8.38 -12.55 -6.31
C GLY A 371 -9.00 -11.54 -7.26
N ILE A 372 -10.31 -11.56 -7.42
CA ILE A 372 -10.94 -10.61 -8.33
C ILE A 372 -10.95 -9.23 -7.67
N ALA A 373 -11.15 -9.20 -6.36
CA ALA A 373 -11.17 -7.94 -5.64
C ALA A 373 -9.80 -7.30 -5.76
N GLN A 374 -8.76 -8.09 -5.48
CA GLN A 374 -7.38 -7.63 -5.56
C GLN A 374 -7.09 -7.11 -6.98
N ALA A 375 -7.55 -7.84 -7.99
CA ALA A 375 -7.35 -7.44 -9.37
C ALA A 375 -8.04 -6.09 -9.62
N ASP A 376 -9.28 -5.99 -9.14
CA ASP A 376 -10.07 -4.77 -9.31
C ASP A 376 -9.44 -3.60 -8.56
N VAL A 377 -8.89 -3.87 -7.39
CA VAL A 377 -8.26 -2.82 -6.58
C VAL A 377 -7.01 -2.28 -7.27
N LEU A 378 -6.23 -3.20 -7.83
CA LEU A 378 -5.01 -2.79 -8.52
C LEU A 378 -5.38 -1.97 -9.76
N GLY A 379 -6.49 -2.35 -10.40
CA GLY A 379 -6.95 -1.61 -11.56
C GLY A 379 -7.32 -0.18 -11.16
N ILE A 380 -7.91 -0.03 -9.98
CA ILE A 380 -8.33 1.28 -9.50
C ILE A 380 -7.16 2.18 -9.10
N PHE A 381 -6.13 1.61 -8.46
CA PHE A 381 -4.97 2.40 -8.06
C PHE A 381 -4.26 3.05 -9.24
N GLY A 382 -4.10 2.28 -10.32
CA GLY A 382 -3.44 2.80 -11.50
C GLY A 382 -4.27 3.82 -12.24
N LYS A 383 -5.59 3.61 -12.28
CA LYS A 383 -6.47 4.52 -12.99
C LYS A 383 -6.67 5.84 -12.28
N TYR A 384 -6.51 5.86 -10.95
CA TYR A 384 -6.70 7.09 -10.19
C TYR A 384 -5.42 7.78 -9.74
N GLY A 385 -4.28 7.27 -10.18
CA GLY A 385 -3.02 7.89 -9.83
C GLY A 385 -2.36 7.53 -8.53
N VAL A 386 -2.78 6.45 -7.90
CA VAL A 386 -2.12 6.06 -6.68
C VAL A 386 -0.63 5.88 -7.03
N TYR A 387 0.23 6.31 -6.14
CA TYR A 387 1.66 6.26 -6.35
C TYR A 387 2.30 4.92 -5.97
N LEU A 388 1.94 4.44 -4.79
CA LEU A 388 2.52 3.21 -4.29
C LEU A 388 1.50 2.52 -3.40
N ALA A 389 1.52 1.20 -3.46
CA ALA A 389 0.62 0.40 -2.65
C ALA A 389 1.32 -0.89 -2.29
N THR A 390 1.25 -1.25 -1.02
CA THR A 390 1.85 -2.48 -0.56
C THR A 390 0.79 -3.24 0.22
N PHE A 391 0.46 -4.42 -0.29
CA PHE A 391 -0.54 -5.30 0.31
C PHE A 391 -0.04 -5.90 1.61
N TRP A 392 -0.97 -6.22 2.51
CA TRP A 392 -0.61 -6.83 3.78
C TRP A 392 -1.26 -8.19 3.87
N GLY A 393 -0.43 -9.22 4.06
CA GLY A 393 -0.93 -10.58 4.14
C GLY A 393 0.19 -11.45 3.64
N ASP A 394 0.19 -12.73 3.98
CA ASP A 394 1.28 -13.61 3.55
C ASP A 394 0.99 -14.46 2.31
N ALA A 395 1.90 -15.39 2.03
CA ALA A 395 1.82 -16.26 0.87
C ALA A 395 0.68 -17.29 0.81
N SER A 396 -0.08 -17.43 1.88
CA SER A 396 -1.19 -18.39 1.86
C SER A 396 -2.31 -17.84 1.01
N ASN A 397 -2.26 -16.53 0.77
CA ASN A 397 -3.26 -15.83 -0.04
C ASN A 397 -2.98 -16.04 -1.54
N ASN A 398 -3.18 -17.26 -2.01
CA ASN A 398 -2.92 -17.65 -3.40
C ASN A 398 -3.76 -16.91 -4.44
N TYR A 399 -4.97 -16.54 -4.10
CA TYR A 399 -5.80 -15.83 -5.06
C TYR A 399 -5.46 -14.35 -5.07
N THR A 400 -4.96 -13.83 -3.94
CA THR A 400 -4.59 -12.42 -3.89
C THR A 400 -3.30 -12.33 -4.71
N GLU A 401 -2.42 -13.31 -4.51
CA GLU A 401 -1.17 -13.32 -5.24
C GLU A 401 -1.52 -13.45 -6.71
N ALA A 402 -2.68 -14.05 -6.98
CA ALA A 402 -3.15 -14.24 -8.35
C ALA A 402 -3.54 -12.90 -9.00
N GLY A 403 -4.20 -12.06 -8.23
CA GLY A 403 -4.63 -10.76 -8.75
C GLY A 403 -3.44 -9.89 -9.10
N ILE A 404 -2.40 -9.95 -8.25
CA ILE A 404 -1.19 -9.16 -8.46
C ILE A 404 -0.44 -9.60 -9.71
N ASN A 405 -0.27 -10.91 -9.89
CA ASN A 405 0.43 -11.42 -11.06
C ASN A 405 -0.32 -11.13 -12.35
N LEU A 406 -1.63 -10.90 -12.24
CA LEU A 406 -2.42 -10.63 -13.42
C LEU A 406 -1.86 -9.34 -14.02
N TYR A 407 -1.28 -8.51 -13.16
CA TYR A 407 -0.73 -7.24 -13.60
C TYR A 407 0.79 -7.23 -13.78
N THR A 408 1.51 -7.88 -12.87
CA THR A 408 2.97 -7.86 -12.92
C THR A 408 3.69 -8.98 -13.65
N ASN A 409 3.03 -10.13 -13.76
CA ASN A 409 3.63 -11.26 -14.44
C ASN A 409 2.50 -12.24 -14.74
N TYR A 410 1.77 -11.96 -15.81
CA TYR A 410 0.64 -12.81 -16.18
C TYR A 410 0.96 -14.06 -16.99
N ASP A 411 2.06 -14.04 -17.73
CA ASP A 411 2.42 -15.20 -18.55
C ASP A 411 3.51 -16.05 -17.92
N GLY A 412 3.83 -15.79 -16.66
CA GLY A 412 4.86 -16.56 -15.99
C GLY A 412 6.25 -16.24 -16.47
N LYS A 413 6.35 -15.44 -17.53
CA LYS A 413 7.66 -15.10 -18.04
C LYS A 413 7.95 -13.61 -18.08
N GLY A 414 7.34 -12.85 -17.16
CA GLY A 414 7.60 -11.43 -17.08
C GLY A 414 6.65 -10.49 -17.77
N GLY A 415 5.60 -11.03 -18.39
CA GLY A 415 4.62 -10.20 -19.08
C GLY A 415 3.85 -9.36 -18.08
N LYS A 416 3.47 -8.13 -18.45
CA LYS A 416 2.75 -7.27 -17.54
C LYS A 416 1.88 -6.18 -18.16
N PHE A 417 0.96 -5.66 -17.35
CA PHE A 417 0.02 -4.62 -17.74
C PHE A 417 0.78 -3.41 -18.27
N GLY A 418 0.11 -2.60 -19.08
CA GLY A 418 0.78 -1.42 -19.62
C GLY A 418 1.02 -0.39 -18.54
N ASP A 419 1.83 0.62 -18.83
CA ASP A 419 2.08 1.66 -17.83
C ASP A 419 1.27 2.93 -18.08
N THR A 420 0.54 2.97 -19.18
CA THR A 420 -0.29 4.14 -19.48
C THR A 420 -1.76 3.79 -19.58
N SER A 421 -2.52 4.21 -18.59
CA SER A 421 -3.94 3.95 -18.54
C SER A 421 -4.70 4.72 -19.60
N VAL A 422 -5.77 4.12 -20.12
CA VAL A 422 -6.59 4.77 -21.13
C VAL A 422 -8.08 4.57 -20.81
N LYS A 423 -8.90 5.50 -21.30
CA LYS A 423 -10.34 5.44 -21.08
C LYS A 423 -10.81 4.02 -21.36
N CYS A 424 -11.71 3.54 -20.52
CA CYS A 424 -12.26 2.20 -20.65
C CYS A 424 -13.48 2.17 -19.73
N GLU A 425 -14.67 2.07 -20.33
CA GLU A 425 -15.93 2.08 -19.60
C GLU A 425 -16.68 0.75 -19.71
N THR A 426 -17.47 0.42 -18.68
CA THR A 426 -18.28 -0.80 -18.71
C THR A 426 -19.75 -0.40 -18.59
N SER A 427 -20.62 -1.10 -19.31
CA SER A 427 -22.04 -0.79 -19.26
C SER A 427 -22.69 -1.23 -17.96
N ASP A 428 -22.02 -2.13 -17.24
CA ASP A 428 -22.54 -2.63 -15.97
C ASP A 428 -21.39 -2.82 -14.96
N ILE A 429 -21.17 -1.83 -14.10
CA ILE A 429 -20.10 -1.87 -13.12
C ILE A 429 -20.33 -2.86 -12.00
N GLU A 430 -21.58 -3.22 -11.75
CA GLU A 430 -21.89 -4.17 -10.69
C GLU A 430 -21.46 -5.59 -11.03
N VAL A 431 -21.69 -6.01 -12.27
CA VAL A 431 -21.33 -7.35 -12.68
C VAL A 431 -19.91 -7.47 -13.24
N SER A 432 -19.27 -6.36 -13.56
CA SER A 432 -17.93 -6.44 -14.10
C SER A 432 -17.06 -5.20 -13.88
N SER A 433 -15.78 -5.34 -14.23
CA SER A 433 -14.81 -4.26 -14.12
C SER A 433 -13.83 -4.46 -15.27
N ALA A 434 -13.32 -3.35 -15.81
CA ALA A 434 -12.36 -3.42 -16.90
C ALA A 434 -11.41 -2.22 -16.89
N TYR A 435 -10.12 -2.53 -17.04
CA TYR A 435 -9.09 -1.51 -17.04
C TYR A 435 -8.27 -1.77 -18.30
N ALA A 436 -7.86 -0.70 -18.96
CA ALA A 436 -7.10 -0.85 -20.18
C ALA A 436 -5.86 0.02 -20.16
N SER A 437 -4.79 -0.45 -20.80
CA SER A 437 -3.58 0.34 -20.85
C SER A 437 -2.71 0.01 -22.06
N ILE A 438 -1.78 0.91 -22.35
CA ILE A 438 -0.85 0.72 -23.44
C ILE A 438 0.52 0.97 -22.83
N VAL A 439 1.58 0.73 -23.61
CA VAL A 439 2.93 0.94 -23.12
C VAL A 439 3.38 2.33 -23.56
N GLY A 440 3.84 3.15 -22.61
CA GLY A 440 4.28 4.50 -22.92
C GLY A 440 3.21 5.29 -23.67
N GLU A 441 3.54 5.72 -24.88
CA GLU A 441 2.57 6.46 -25.69
C GLU A 441 2.19 5.64 -26.92
N ASP A 442 2.59 4.36 -26.93
CA ASP A 442 2.32 3.48 -28.07
C ASP A 442 1.18 2.49 -27.85
N ASP A 443 0.12 2.63 -28.63
CA ASP A 443 -1.05 1.76 -28.52
C ASP A 443 -1.03 0.50 -29.38
N SER A 444 0.16 0.11 -29.86
CA SER A 444 0.29 -1.07 -30.70
C SER A 444 -0.17 -2.33 -29.98
N LYS A 445 -0.07 -2.32 -28.66
CA LYS A 445 -0.52 -3.44 -27.87
C LYS A 445 -1.42 -2.87 -26.79
N LEU A 446 -2.67 -3.30 -26.81
CA LEU A 446 -3.65 -2.85 -25.85
C LEU A 446 -3.90 -3.91 -24.78
N HIS A 447 -3.49 -3.64 -23.55
CA HIS A 447 -3.70 -4.59 -22.44
C HIS A 447 -5.04 -4.28 -21.79
N ILE A 448 -5.78 -5.32 -21.44
CA ILE A 448 -7.07 -5.12 -20.81
C ILE A 448 -7.33 -6.11 -19.68
N ILE A 449 -7.68 -5.57 -18.52
CA ILE A 449 -8.00 -6.42 -17.40
C ILE A 449 -9.52 -6.44 -17.42
N LEU A 450 -10.09 -7.63 -17.54
CA LEU A 450 -11.55 -7.80 -17.60
C LEU A 450 -12.02 -8.74 -16.50
N LEU A 451 -12.81 -8.21 -15.56
CA LEU A 451 -13.29 -9.01 -14.44
C LEU A 451 -14.78 -9.28 -14.49
N ASN A 452 -15.15 -10.56 -14.44
CA ASN A 452 -16.55 -10.92 -14.44
C ASN A 452 -16.98 -11.23 -13.02
N LYS A 453 -17.69 -10.28 -12.40
CA LYS A 453 -18.17 -10.43 -11.03
C LYS A 453 -19.47 -11.25 -10.91
N ASN A 454 -20.02 -11.71 -12.03
CA ASN A 454 -21.22 -12.53 -12.01
C ASN A 454 -20.87 -13.77 -11.22
N TYR A 455 -21.57 -14.02 -10.11
CA TYR A 455 -21.25 -15.16 -9.25
C TYR A 455 -21.39 -16.57 -9.82
N ASP A 456 -22.54 -16.92 -10.38
CA ASP A 456 -22.68 -18.27 -10.92
C ASP A 456 -23.20 -18.38 -12.34
N GLN A 457 -23.17 -17.27 -13.08
CA GLN A 457 -23.61 -17.28 -14.47
C GLN A 457 -22.58 -16.53 -15.32
N PRO A 458 -22.32 -17.02 -16.54
CA PRO A 458 -21.35 -16.40 -17.45
C PRO A 458 -21.76 -15.00 -17.85
N THR A 459 -20.83 -14.27 -18.46
CA THR A 459 -21.11 -12.93 -18.94
C THR A 459 -20.55 -12.77 -20.35
N THR A 460 -21.36 -12.22 -21.24
CA THR A 460 -20.93 -11.99 -22.60
C THR A 460 -20.56 -10.52 -22.72
N PHE A 461 -19.37 -10.27 -23.27
CA PHE A 461 -18.88 -8.91 -23.42
C PHE A 461 -18.73 -8.48 -24.87
N ASN A 462 -19.19 -7.28 -25.17
CA ASN A 462 -19.09 -6.72 -26.52
C ASN A 462 -18.09 -5.58 -26.45
N PHE A 463 -16.89 -5.82 -26.96
CA PHE A 463 -15.84 -4.82 -26.96
C PHE A 463 -15.86 -3.99 -28.21
N SER A 464 -15.83 -2.68 -28.04
CA SER A 464 -15.78 -1.76 -29.17
C SER A 464 -14.63 -0.84 -28.81
N ILE A 465 -13.53 -0.98 -29.54
CA ILE A 465 -12.34 -0.21 -29.31
C ILE A 465 -12.09 0.85 -30.36
N ASP A 466 -11.61 2.00 -29.91
CA ASP A 466 -11.33 3.09 -30.80
C ASP A 466 -9.83 3.36 -30.69
N SER A 467 -9.07 2.75 -31.57
CA SER A 467 -7.62 2.91 -31.56
C SER A 467 -7.09 3.31 -32.93
N SER A 468 -5.87 3.82 -32.97
CA SER A 468 -5.27 4.22 -34.23
C SER A 468 -4.85 2.95 -34.95
N LYS A 469 -4.64 1.87 -34.20
CA LYS A 469 -4.23 0.59 -34.77
C LYS A 469 -5.43 -0.31 -35.02
N ASN A 470 -5.20 -1.36 -35.78
CA ASN A 470 -6.25 -2.34 -36.07
C ASN A 470 -5.80 -3.60 -35.36
N TYR A 471 -6.60 -4.06 -34.41
CA TYR A 471 -6.22 -5.26 -33.68
C TYR A 471 -6.82 -6.48 -34.36
N THR A 472 -5.96 -7.44 -34.66
CA THR A 472 -6.38 -8.66 -35.32
C THR A 472 -6.32 -9.87 -34.40
N ILE A 473 -5.55 -9.77 -33.32
CA ILE A 473 -5.47 -10.88 -32.38
C ILE A 473 -5.55 -10.38 -30.95
N GLY A 474 -5.96 -11.28 -30.06
CA GLY A 474 -6.08 -10.96 -28.66
C GLY A 474 -5.88 -12.21 -27.84
N ASN A 475 -4.68 -12.36 -27.28
CA ASN A 475 -4.39 -13.53 -26.46
C ASN A 475 -5.00 -13.33 -25.09
N VAL A 476 -5.24 -14.42 -24.38
CA VAL A 476 -5.85 -14.31 -23.07
C VAL A 476 -5.18 -15.15 -22.00
N TRP A 477 -5.12 -14.58 -20.80
CA TRP A 477 -4.57 -15.26 -19.63
C TRP A 477 -5.61 -15.02 -18.57
N ALA A 478 -5.82 -15.99 -17.70
CA ALA A 478 -6.82 -15.83 -16.66
C ALA A 478 -6.74 -16.88 -15.57
N PHE A 479 -7.41 -16.57 -14.47
CA PHE A 479 -7.49 -17.45 -13.31
C PHE A 479 -8.94 -17.39 -12.88
N ASP A 480 -9.44 -18.46 -12.26
CA ASP A 480 -10.84 -18.50 -11.83
C ASP A 480 -11.04 -19.49 -10.69
N ARG A 481 -12.30 -19.84 -10.43
CA ARG A 481 -12.63 -20.78 -9.37
C ARG A 481 -11.96 -22.13 -9.57
N GLY A 482 -11.36 -22.32 -10.73
CA GLY A 482 -10.70 -23.58 -11.00
C GLY A 482 -9.31 -23.64 -10.40
N SER A 483 -8.55 -22.57 -10.52
CA SER A 483 -7.21 -22.54 -9.99
C SER A 483 -6.73 -21.11 -9.82
N SER A 484 -5.90 -20.86 -8.82
CA SER A 484 -5.37 -19.52 -8.59
C SER A 484 -4.26 -19.30 -9.60
N ASN A 485 -4.00 -20.31 -10.42
CA ASN A 485 -2.96 -20.22 -11.44
C ASN A 485 -3.51 -19.57 -12.69
N ILE A 486 -2.74 -18.61 -13.21
CA ILE A 486 -3.15 -17.91 -14.41
C ILE A 486 -2.73 -18.73 -15.61
N THR A 487 -3.70 -19.22 -16.37
CA THR A 487 -3.39 -20.03 -17.53
C THR A 487 -3.84 -19.34 -18.83
N GLN A 488 -3.04 -19.49 -19.89
CA GLN A 488 -3.40 -18.88 -21.17
C GLN A 488 -4.65 -19.59 -21.68
N ARG A 489 -5.50 -18.86 -22.37
CA ARG A 489 -6.72 -19.42 -22.90
C ARG A 489 -6.76 -19.28 -24.42
N THR A 490 -7.81 -19.81 -25.03
CA THR A 490 -7.96 -19.71 -26.47
C THR A 490 -8.04 -18.24 -26.81
N PRO A 491 -7.25 -17.80 -27.80
CA PRO A 491 -7.19 -16.40 -28.25
C PRO A 491 -8.41 -15.94 -29.04
N ILE A 492 -8.63 -14.63 -29.03
CA ILE A 492 -9.71 -13.96 -29.75
C ILE A 492 -9.19 -13.74 -31.18
N VAL A 493 -9.92 -14.22 -32.19
CA VAL A 493 -9.44 -14.03 -33.56
C VAL A 493 -10.41 -13.36 -34.50
N ASN A 494 -11.66 -13.22 -34.09
CA ASN A 494 -12.60 -12.57 -35.00
C ASN A 494 -12.91 -11.12 -34.62
N ILE A 495 -11.89 -10.28 -34.73
CA ILE A 495 -12.02 -8.87 -34.42
C ILE A 495 -12.41 -8.11 -35.68
N LYS A 496 -13.61 -7.57 -35.72
CA LYS A 496 -14.06 -6.81 -36.89
C LYS A 496 -14.06 -5.32 -36.62
N ASP A 497 -13.16 -4.60 -37.31
CA ASP A 497 -13.03 -3.16 -37.13
C ASP A 497 -12.85 -2.85 -35.65
N ASN A 498 -11.85 -3.47 -35.03
CA ASN A 498 -11.60 -3.28 -33.61
C ASN A 498 -12.86 -3.51 -32.78
N THR A 499 -13.54 -4.64 -33.02
CA THR A 499 -14.75 -4.98 -32.26
C THR A 499 -14.87 -6.50 -32.20
N PHE A 500 -15.31 -7.00 -31.03
CA PHE A 500 -15.48 -8.43 -30.85
C PHE A 500 -16.39 -8.73 -29.68
N THR A 501 -16.72 -10.00 -29.53
CA THR A 501 -17.57 -10.44 -28.44
C THR A 501 -16.88 -11.60 -27.75
N TYR A 502 -16.83 -11.53 -26.42
CA TYR A 502 -16.16 -12.54 -25.64
C TYR A 502 -16.97 -12.82 -24.38
N THR A 503 -17.42 -14.06 -24.25
CA THR A 503 -18.21 -14.44 -23.09
C THR A 503 -17.24 -15.08 -22.11
N VAL A 504 -17.31 -14.65 -20.85
CA VAL A 504 -16.40 -15.14 -19.81
C VAL A 504 -17.11 -15.89 -18.68
N PRO A 505 -16.55 -17.04 -18.28
CA PRO A 505 -17.12 -17.85 -17.20
C PRO A 505 -17.33 -17.04 -15.93
N ALA A 506 -18.24 -17.51 -15.06
CA ALA A 506 -18.51 -16.82 -13.82
C ALA A 506 -17.22 -16.69 -13.02
N LEU A 507 -17.19 -15.66 -12.17
CA LEU A 507 -16.03 -15.38 -11.32
C LEU A 507 -14.70 -15.67 -11.99
N THR A 508 -14.44 -14.96 -13.08
CA THR A 508 -13.21 -15.14 -13.82
C THR A 508 -12.51 -13.81 -13.97
N ALA A 509 -11.18 -13.83 -13.91
CA ALA A 509 -10.37 -12.62 -14.08
C ALA A 509 -9.38 -12.92 -15.20
N CYS A 510 -9.43 -12.12 -16.24
CA CYS A 510 -8.53 -12.32 -17.36
C CYS A 510 -7.79 -11.07 -17.77
N HIS A 511 -6.67 -11.27 -18.44
CA HIS A 511 -5.86 -10.19 -18.94
C HIS A 511 -5.74 -10.42 -20.43
N ILE A 512 -6.39 -9.57 -21.20
CA ILE A 512 -6.38 -9.68 -22.64
C ILE A 512 -5.25 -8.80 -23.19
N VAL A 513 -4.66 -9.24 -24.30
CA VAL A 513 -3.58 -8.49 -24.94
C VAL A 513 -3.83 -8.48 -26.45
N LEU A 514 -4.29 -7.34 -26.96
CA LEU A 514 -4.58 -7.20 -28.39
C LEU A 514 -3.39 -6.61 -29.15
N GLU A 515 -3.20 -7.07 -30.38
CA GLU A 515 -2.12 -6.57 -31.21
C GLU A 515 -2.39 -6.67 -32.71
N ALA A 516 -1.83 -5.74 -33.48
CA ALA A 516 -2.01 -5.73 -34.93
C ALA A 516 -0.96 -6.60 -35.63
#